data_8X66
#
_entry.id   8X66
#
_cell.length_a   105.689
_cell.length_b   105.689
_cell.length_c   70.165
_cell.angle_alpha   90.000
_cell.angle_beta   90.000
_cell.angle_gamma   120.000
#
_symmetry.space_group_name_H-M   'P 31'
#
loop_
_entity.id
_entity.type
_entity.pdbx_description
1 polymer Endo-1,4-beta-xylanase
2 non-polymer GLYCEROL
3 water water
#
_entity_poly.entity_id   1
_entity_poly.type   'polypeptide(L)'
_entity_poly.pdbx_seq_one_letter_code
;MAQQCITSSQTGFHGGYFYSFWTDGGGSVSFCLLNGGRYTSQWSNVGNWVGGKGWQTGGRRVVSYSGTFNTSGNSYLALY
GWTTNPLVEYYIVDSWGTWRPPGGEGYMGTVFSDGGWYDVYRTQRVNAPSIEGIRTFYQYWSVRQQKRVGGTITTGNHFD
AWASYGMNLGTHNYMVMATEGFQSSGSSDITVSDGGSSSLEHHHHHH
;
_entity_poly.pdbx_strand_id   A,B,C
#
loop_
_chem_comp.id
_chem_comp.type
_chem_comp.name
_chem_comp.formula
GOL non-polymer GLYCEROL 'C3 H8 O3'
#
# COMPACT_ATOMS: atom_id res chain seq x y z
N GLN A 3 -15.80 23.46 -38.41
CA GLN A 3 -14.45 23.50 -37.72
C GLN A 3 -14.59 23.48 -36.19
N GLN A 4 -15.64 24.03 -35.57
CA GLN A 4 -15.70 24.34 -34.09
C GLN A 4 -14.76 23.39 -33.33
N CYS A 5 -13.48 23.79 -33.22
CA CYS A 5 -12.43 23.04 -32.49
C CYS A 5 -12.41 23.57 -31.06
N ILE A 6 -12.18 22.68 -30.08
CA ILE A 6 -12.10 23.04 -28.63
C ILE A 6 -10.81 22.48 -28.02
N THR A 7 -10.38 23.03 -26.88
CA THR A 7 -9.18 22.60 -26.13
C THR A 7 -9.49 22.33 -24.64
N SER A 8 -10.70 22.64 -24.18
CA SER A 8 -11.08 22.53 -22.75
C SER A 8 -12.15 21.43 -22.57
N SER A 9 -11.97 20.58 -21.56
CA SER A 9 -12.88 19.48 -21.21
C SER A 9 -14.33 19.97 -21.31
N GLN A 10 -15.19 19.21 -21.99
CA GLN A 10 -16.64 19.53 -21.99
C GLN A 10 -17.43 18.44 -22.69
N THR A 11 -18.74 18.61 -22.67
CA THR A 11 -19.76 17.73 -23.26
C THR A 11 -20.82 18.60 -23.93
N GLY A 12 -21.51 18.06 -24.91
CA GLY A 12 -22.65 18.70 -25.55
C GLY A 12 -23.12 17.91 -26.74
N PHE A 13 -23.76 18.62 -27.66
CA PHE A 13 -24.39 18.10 -28.90
C PHE A 13 -23.83 18.87 -30.08
N HIS A 14 -23.58 18.19 -31.18
CA HIS A 14 -23.06 18.74 -32.45
C HIS A 14 -23.30 17.74 -33.58
N GLY A 15 -23.84 18.19 -34.71
CA GLY A 15 -24.10 17.32 -35.87
C GLY A 15 -25.27 16.38 -35.61
N GLY A 16 -26.01 16.64 -34.53
CA GLY A 16 -27.10 15.77 -34.06
C GLY A 16 -26.58 14.59 -33.25
N TYR A 17 -25.32 14.61 -32.80
CA TYR A 17 -24.72 13.59 -31.91
C TYR A 17 -24.31 14.26 -30.59
N PHE A 18 -24.37 13.53 -29.48
CA PHE A 18 -23.65 13.88 -28.23
C PHE A 18 -22.15 13.78 -28.52
N TYR A 19 -21.33 14.62 -27.89
CA TYR A 19 -19.87 14.41 -27.79
C TYR A 19 -19.42 14.56 -26.33
N SER A 20 -18.31 13.92 -25.98
CA SER A 20 -17.57 14.15 -24.72
C SER A 20 -16.11 14.37 -25.08
N PHE A 21 -15.47 15.27 -24.36
CA PHE A 21 -14.03 15.57 -24.51
C PHE A 21 -13.51 15.89 -23.12
N TRP A 22 -12.48 15.17 -22.72
CA TRP A 22 -11.82 15.35 -21.41
C TRP A 22 -10.33 15.19 -21.65
N THR A 23 -9.56 16.09 -21.07
CA THR A 23 -8.09 16.05 -20.93
C THR A 23 -7.79 16.42 -19.47
N ASP A 24 -6.74 15.88 -18.88
CA ASP A 24 -6.24 16.29 -17.55
C ASP A 24 -5.54 17.66 -17.66
N GLY A 25 -5.35 18.18 -18.89
CA GLY A 25 -4.75 19.50 -19.16
C GLY A 25 -3.27 19.43 -19.46
N GLY A 26 -2.65 18.25 -19.36
CA GLY A 26 -1.22 18.02 -19.66
C GLY A 26 -0.94 18.06 -21.16
N GLY A 27 0.15 18.73 -21.56
CA GLY A 27 0.50 19.05 -22.96
C GLY A 27 -0.64 19.68 -23.75
N SER A 28 -0.81 19.27 -25.01
CA SER A 28 -1.67 19.94 -26.02
C SER A 28 -2.61 18.92 -26.66
N VAL A 29 -3.90 19.24 -26.71
CA VAL A 29 -4.90 18.46 -27.49
C VAL A 29 -5.92 19.44 -28.07
N SER A 30 -6.16 19.30 -29.37
CA SER A 30 -7.23 19.98 -30.14
C SER A 30 -8.26 18.93 -30.52
N PHE A 31 -9.53 19.15 -30.20
CA PHE A 31 -10.68 18.28 -30.54
C PHE A 31 -11.62 19.11 -31.40
N CYS A 32 -11.90 18.68 -32.63
CA CYS A 32 -12.66 19.47 -33.64
C CYS A 32 -13.97 18.77 -33.98
N LEU A 33 -15.06 19.50 -33.83
CA LEU A 33 -16.43 19.04 -34.15
C LEU A 33 -16.72 19.41 -35.62
N LEU A 34 -16.89 18.40 -36.47
CA LEU A 34 -17.19 18.58 -37.90
C LEU A 34 -18.59 18.01 -38.18
N ASN A 35 -19.00 18.07 -39.44
CA ASN A 35 -20.39 17.73 -39.87
C ASN A 35 -20.79 16.35 -39.32
N GLY A 36 -22.05 16.22 -38.91
CA GLY A 36 -22.70 14.94 -38.60
C GLY A 36 -22.00 14.25 -37.44
N GLY A 37 -21.65 12.98 -37.61
CA GLY A 37 -21.00 12.19 -36.55
C GLY A 37 -19.50 12.29 -36.62
N ARG A 38 -18.97 13.24 -37.39
CA ARG A 38 -17.51 13.37 -37.58
C ARG A 38 -16.89 14.27 -36.50
N TYR A 39 -15.74 13.86 -36.00
CA TYR A 39 -14.81 14.68 -35.20
C TYR A 39 -13.39 14.38 -35.68
N THR A 40 -12.47 15.29 -35.40
CA THR A 40 -11.02 15.03 -35.53
C THR A 40 -10.38 15.42 -34.22
N SER A 41 -9.19 14.90 -33.97
CA SER A 41 -8.38 15.23 -32.79
C SER A 41 -6.92 15.31 -33.21
N GLN A 42 -6.12 16.03 -32.45
CA GLN A 42 -4.67 16.21 -32.67
C GLN A 42 -4.06 16.44 -31.29
N TRP A 43 -3.10 15.61 -30.87
CA TRP A 43 -2.46 15.75 -29.54
C TRP A 43 -0.95 15.65 -29.67
N SER A 44 -0.24 16.37 -28.81
CA SER A 44 1.23 16.38 -28.70
C SER A 44 1.62 16.34 -27.23
N ASN A 45 2.46 15.38 -26.84
CA ASN A 45 3.12 15.28 -25.52
C ASN A 45 2.05 15.49 -24.44
N VAL A 46 0.94 14.75 -24.58
CA VAL A 46 -0.31 14.87 -23.74
C VAL A 46 -0.11 14.05 -22.47
N GLY A 47 -0.76 14.45 -21.38
CA GLY A 47 -0.85 13.62 -20.16
C GLY A 47 -1.83 12.48 -20.41
N ASN A 48 -3.12 12.80 -20.36
CA ASN A 48 -4.23 11.84 -20.56
C ASN A 48 -5.40 12.62 -21.15
N TRP A 49 -5.94 12.18 -22.28
CA TRP A 49 -7.20 12.72 -22.85
C TRP A 49 -8.04 11.57 -23.43
N VAL A 50 -9.36 11.74 -23.46
CA VAL A 50 -10.29 10.82 -24.16
C VAL A 50 -11.48 11.63 -24.65
N GLY A 51 -12.04 11.29 -25.80
CA GLY A 51 -13.25 11.95 -26.31
C GLY A 51 -13.67 11.40 -27.66
N GLY A 52 -14.93 11.63 -28.01
CA GLY A 52 -15.44 11.39 -29.37
C GLY A 52 -16.90 11.73 -29.43
N LYS A 53 -17.56 11.32 -30.50
CA LYS A 53 -19.00 11.56 -30.64
C LYS A 53 -19.71 10.23 -30.48
N GLY A 54 -21.00 10.30 -30.21
CA GLY A 54 -21.85 9.13 -29.97
C GLY A 54 -23.17 9.55 -29.36
N TRP A 55 -23.51 8.98 -28.19
CA TRP A 55 -24.88 9.02 -27.64
C TRP A 55 -24.80 9.37 -26.17
N GLN A 56 -25.72 10.22 -25.71
CA GLN A 56 -25.76 10.68 -24.31
C GLN A 56 -26.17 9.51 -23.43
N THR A 57 -26.97 8.60 -23.99
CA THR A 57 -27.46 7.39 -23.29
C THR A 57 -26.98 6.19 -24.10
N GLY A 58 -25.99 5.48 -23.56
CA GLY A 58 -25.48 4.23 -24.14
C GLY A 58 -26.53 3.11 -24.15
N GLY A 59 -26.11 1.94 -24.62
CA GLY A 59 -26.91 0.70 -24.60
C GLY A 59 -26.61 -0.16 -25.82
N ARG A 60 -27.50 -1.12 -26.07
CA ARG A 60 -27.35 -2.12 -27.16
C ARG A 60 -27.53 -1.36 -28.47
N ARG A 61 -26.49 -1.35 -29.30
CA ARG A 61 -26.46 -0.55 -30.55
C ARG A 61 -25.47 -1.15 -31.53
N VAL A 62 -25.81 -1.04 -32.81
CA VAL A 62 -24.89 -1.28 -33.94
C VAL A 62 -24.22 0.05 -34.27
N VAL A 63 -23.02 0.26 -33.76
CA VAL A 63 -22.22 1.48 -34.00
C VAL A 63 -21.32 1.19 -35.21
N SER A 64 -21.37 2.05 -36.22
CA SER A 64 -20.45 2.02 -37.38
C SER A 64 -19.58 3.28 -37.33
N TYR A 65 -18.31 3.18 -37.68
CA TYR A 65 -17.38 4.31 -37.62
C TYR A 65 -16.36 4.09 -38.73
N SER A 66 -15.83 5.17 -39.29
CA SER A 66 -14.83 5.16 -40.38
C SER A 66 -13.82 6.27 -40.13
N GLY A 67 -12.63 6.16 -40.73
CA GLY A 67 -11.62 7.23 -40.70
C GLY A 67 -10.24 6.69 -40.37
N THR A 68 -9.40 7.51 -39.73
CA THR A 68 -7.95 7.27 -39.56
C THR A 68 -7.53 7.49 -38.10
N PHE A 69 -6.42 6.88 -37.72
CA PHE A 69 -5.91 6.94 -36.34
C PHE A 69 -4.41 6.67 -36.40
N ASN A 70 -3.63 7.61 -35.89
CA ASN A 70 -2.16 7.60 -35.99
C ASN A 70 -1.61 8.06 -34.65
N THR A 71 -0.63 7.32 -34.10
CA THR A 71 0.10 7.73 -32.89
C THR A 71 1.56 7.28 -33.01
N SER A 72 2.48 8.01 -32.36
CA SER A 72 3.91 7.68 -32.21
C SER A 72 4.16 6.98 -30.87
N GLY A 73 3.09 6.68 -30.13
CA GLY A 73 3.16 6.20 -28.73
C GLY A 73 1.87 5.53 -28.29
N ASN A 74 1.54 5.61 -27.00
CA ASN A 74 0.43 4.90 -26.35
C ASN A 74 -0.86 5.71 -26.49
N SER A 75 -1.71 5.33 -27.45
CA SER A 75 -3.05 5.91 -27.70
C SER A 75 -3.96 4.76 -28.08
N TYR A 76 -5.27 4.92 -28.00
CA TYR A 76 -6.15 3.94 -28.67
C TYR A 76 -7.46 4.55 -29.15
N LEU A 77 -8.13 3.68 -29.91
CA LEU A 77 -9.39 3.93 -30.64
C LEU A 77 -10.39 2.89 -30.14
N ALA A 78 -11.42 3.33 -29.43
CA ALA A 78 -12.32 2.39 -28.74
C ALA A 78 -13.72 2.98 -28.65
N LEU A 79 -14.76 2.16 -28.76
CA LEU A 79 -16.07 2.56 -28.21
C LEU A 79 -15.89 2.60 -26.69
N TYR A 80 -16.41 3.65 -26.07
CA TYR A 80 -16.07 4.16 -24.73
C TYR A 80 -17.36 4.69 -24.07
N GLY A 81 -17.68 4.19 -22.88
CA GLY A 81 -18.86 4.65 -22.12
C GLY A 81 -18.76 4.35 -20.63
N TRP A 82 -19.84 4.69 -19.95
CA TRP A 82 -20.01 4.64 -18.48
C TRP A 82 -21.41 4.11 -18.18
N THR A 83 -21.54 3.38 -17.09
CA THR A 83 -22.83 3.14 -16.40
C THR A 83 -22.67 3.66 -14.98
N THR A 84 -23.79 3.95 -14.32
CA THR A 84 -23.89 4.22 -12.87
C THR A 84 -24.77 3.14 -12.23
N ASN A 85 -24.52 2.86 -10.95
CA ASN A 85 -25.35 1.94 -10.12
C ASN A 85 -25.40 0.58 -10.78
N PRO A 86 -24.25 -0.13 -10.90
CA PRO A 86 -22.96 0.41 -10.47
C PRO A 86 -22.23 1.35 -11.46
N LEU A 87 -21.20 2.04 -10.95
CA LEU A 87 -20.30 2.90 -11.76
C LEU A 87 -19.30 1.99 -12.48
N VAL A 88 -19.33 2.02 -13.83
CA VAL A 88 -18.42 1.25 -14.72
C VAL A 88 -17.97 2.15 -15.87
N GLU A 89 -16.67 2.07 -16.19
CA GLU A 89 -16.03 2.62 -17.40
C GLU A 89 -15.65 1.46 -18.31
N TYR A 90 -16.04 1.50 -19.57
CA TYR A 90 -15.89 0.35 -20.49
C TYR A 90 -15.36 0.81 -21.84
N TYR A 91 -14.69 -0.14 -22.48
CA TYR A 91 -13.96 0.01 -23.75
C TYR A 91 -14.15 -1.22 -24.62
N ILE A 92 -14.41 -0.97 -25.91
CA ILE A 92 -14.34 -1.93 -27.03
C ILE A 92 -13.27 -1.38 -27.96
N VAL A 93 -12.03 -1.81 -27.75
CA VAL A 93 -10.78 -1.30 -28.40
C VAL A 93 -10.55 -2.03 -29.72
N ASP A 94 -10.56 -1.27 -30.81
CA ASP A 94 -10.35 -1.74 -32.20
C ASP A 94 -8.87 -1.55 -32.56
N SER A 95 -8.19 -0.52 -32.06
CA SER A 95 -6.76 -0.28 -32.39
C SER A 95 -6.06 0.43 -31.24
N TRP A 96 -4.74 0.39 -31.25
CA TRP A 96 -3.87 1.05 -30.26
C TRP A 96 -2.51 1.35 -30.92
N GLY A 97 -1.61 2.02 -30.20
CA GLY A 97 -0.24 2.34 -30.67
C GLY A 97 0.78 1.36 -30.11
N THR A 98 1.62 1.80 -29.18
CA THR A 98 2.77 1.02 -28.63
C THR A 98 2.34 0.08 -27.48
N TRP A 99 1.17 0.24 -26.87
CA TRP A 99 0.71 -0.63 -25.74
C TRP A 99 -0.70 -1.14 -26.01
N ARG A 100 -0.84 -2.44 -26.18
CA ARG A 100 -2.16 -3.12 -26.25
C ARG A 100 -2.78 -3.08 -24.85
N PRO A 101 -3.89 -2.34 -24.63
CA PRO A 101 -4.51 -2.31 -23.31
C PRO A 101 -5.22 -3.64 -23.03
N PRO A 102 -5.45 -3.98 -21.75
CA PRO A 102 -4.90 -3.25 -20.60
C PRO A 102 -3.65 -3.95 -20.04
N GLY A 103 -2.73 -4.35 -20.94
CA GLY A 103 -1.44 -5.00 -20.63
C GLY A 103 -1.62 -6.41 -20.06
N GLY A 104 -2.66 -7.13 -20.50
CA GLY A 104 -2.94 -8.50 -20.06
C GLY A 104 -3.66 -8.58 -18.72
N GLU A 105 -3.75 -7.48 -17.95
CA GLU A 105 -4.30 -7.51 -16.56
C GLU A 105 -5.77 -8.00 -16.66
N GLY A 106 -6.13 -8.99 -15.85
CA GLY A 106 -7.53 -9.40 -15.57
C GLY A 106 -8.25 -9.96 -16.79
N TYR A 107 -7.54 -10.70 -17.61
CA TYR A 107 -8.10 -11.56 -18.69
C TYR A 107 -9.26 -12.39 -18.13
N MET A 108 -10.39 -12.41 -18.83
CA MET A 108 -11.60 -13.18 -18.44
C MET A 108 -11.98 -14.20 -19.50
N GLY A 109 -11.60 -13.99 -20.76
CA GLY A 109 -11.97 -14.89 -21.88
C GLY A 109 -12.03 -14.14 -23.21
N THR A 110 -13.01 -14.44 -24.06
CA THR A 110 -13.03 -13.92 -25.44
C THR A 110 -14.47 -13.70 -25.88
N VAL A 111 -14.63 -13.03 -27.04
CA VAL A 111 -15.91 -12.91 -27.78
C VAL A 111 -15.63 -12.57 -29.25
N PHE A 112 -16.40 -13.18 -30.14
CA PHE A 112 -16.37 -12.91 -31.59
C PHE A 112 -17.51 -11.92 -31.88
N SER A 113 -17.16 -10.73 -32.38
CA SER A 113 -18.18 -9.75 -32.86
C SER A 113 -17.66 -9.07 -34.13
N ASP A 114 -18.55 -8.79 -35.07
CA ASP A 114 -18.25 -7.88 -36.20
C ASP A 114 -17.00 -8.38 -36.91
N GLY A 115 -16.94 -9.68 -37.24
CA GLY A 115 -15.85 -10.29 -38.02
C GLY A 115 -14.53 -10.43 -37.25
N GLY A 116 -14.49 -10.19 -35.93
CA GLY A 116 -13.23 -10.23 -35.16
C GLY A 116 -13.35 -10.83 -33.76
N TRP A 117 -12.29 -11.53 -33.34
CA TRP A 117 -12.07 -11.99 -31.96
C TRP A 117 -11.63 -10.78 -31.14
N TYR A 118 -12.24 -10.61 -29.98
CA TYR A 118 -11.75 -9.69 -28.94
C TYR A 118 -11.43 -10.53 -27.70
N ASP A 119 -10.34 -10.18 -27.00
CA ASP A 119 -10.01 -10.64 -25.64
C ASP A 119 -10.71 -9.74 -24.62
N VAL A 120 -11.30 -10.36 -23.61
CA VAL A 120 -12.11 -9.68 -22.56
C VAL A 120 -11.28 -9.57 -21.28
N TYR A 121 -11.21 -8.36 -20.72
CA TYR A 121 -10.48 -8.07 -19.48
C TYR A 121 -11.38 -7.30 -18.53
N ARG A 122 -11.27 -7.57 -17.24
CA ARG A 122 -11.82 -6.72 -16.16
C ARG A 122 -10.64 -6.21 -15.35
N THR A 123 -10.59 -4.92 -15.07
CA THR A 123 -9.57 -4.25 -14.24
C THR A 123 -10.26 -3.26 -13.33
N GLN A 124 -9.53 -2.63 -12.42
CA GLN A 124 -10.14 -1.77 -11.37
C GLN A 124 -9.33 -0.49 -11.23
N ARG A 125 -10.04 0.62 -11.02
CA ARG A 125 -9.48 1.95 -10.73
C ARG A 125 -9.92 2.34 -9.32
N VAL A 126 -8.94 2.59 -8.45
CA VAL A 126 -9.16 2.93 -7.01
C VAL A 126 -8.88 4.42 -6.85
N ASN A 127 -9.84 5.19 -6.34
CA ASN A 127 -9.75 6.66 -6.15
C ASN A 127 -9.17 7.25 -7.43
N ALA A 128 -9.99 7.49 -8.45
CA ALA A 128 -9.53 7.93 -9.79
C ALA A 128 -10.57 8.84 -10.44
N PRO A 129 -10.17 9.64 -11.45
CA PRO A 129 -11.11 10.53 -12.14
C PRO A 129 -12.22 9.69 -12.80
N SER A 130 -13.46 10.14 -12.69
CA SER A 130 -14.67 9.49 -13.28
C SER A 130 -15.79 10.52 -13.43
N ILE A 131 -16.89 10.12 -14.06
CA ILE A 131 -18.07 11.00 -14.36
C ILE A 131 -18.80 11.39 -13.07
N GLU A 132 -18.52 10.76 -11.93
CA GLU A 132 -19.18 11.11 -10.63
C GLU A 132 -18.19 11.83 -9.72
N GLY A 133 -16.90 11.83 -10.07
CA GLY A 133 -15.81 12.49 -9.32
C GLY A 133 -14.68 11.53 -9.07
N ILE A 134 -14.01 11.65 -7.91
CA ILE A 134 -13.05 10.64 -7.41
C ILE A 134 -13.89 9.47 -6.86
N ARG A 135 -13.79 8.30 -7.48
CA ARG A 135 -14.56 7.09 -7.11
C ARG A 135 -13.68 5.85 -7.30
N THR A 136 -14.09 4.75 -6.67
CA THR A 136 -13.57 3.40 -6.99
C THR A 136 -14.57 2.76 -7.94
N PHE A 137 -14.09 2.12 -9.00
CA PHE A 137 -14.95 1.51 -10.04
C PHE A 137 -14.16 0.47 -10.83
N TYR A 138 -14.89 -0.40 -11.49
CA TYR A 138 -14.38 -1.41 -12.45
C TYR A 138 -14.32 -0.80 -13.86
N GLN A 139 -13.38 -1.30 -14.65
CA GLN A 139 -13.31 -1.13 -16.12
C GLN A 139 -13.52 -2.49 -16.78
N TYR A 140 -14.40 -2.54 -17.78
CA TYR A 140 -14.62 -3.71 -18.63
C TYR A 140 -13.99 -3.43 -20.00
N TRP A 141 -13.25 -4.41 -20.50
CA TRP A 141 -12.51 -4.35 -21.78
C TRP A 141 -12.93 -5.49 -22.69
N SER A 142 -13.21 -5.14 -23.93
CA SER A 142 -13.03 -5.99 -25.13
C SER A 142 -11.91 -5.35 -25.95
N VAL A 143 -10.85 -6.09 -26.26
CA VAL A 143 -9.73 -5.58 -27.08
C VAL A 143 -9.55 -6.54 -28.26
N ARG A 144 -9.54 -5.99 -29.47
CA ARG A 144 -9.41 -6.78 -30.72
C ARG A 144 -8.04 -7.46 -30.72
N GLN A 145 -7.99 -8.71 -31.20
CA GLN A 145 -6.72 -9.48 -31.22
C GLN A 145 -5.81 -8.90 -32.30
N GLN A 146 -6.37 -8.45 -33.42
CA GLN A 146 -5.64 -7.72 -34.50
C GLN A 146 -6.22 -6.31 -34.59
N LYS A 147 -5.36 -5.32 -34.80
CA LYS A 147 -5.74 -3.90 -34.97
C LYS A 147 -6.78 -3.79 -36.09
N ARG A 148 -7.76 -2.89 -35.92
CA ARG A 148 -8.69 -2.51 -37.00
C ARG A 148 -9.07 -1.05 -36.79
N VAL A 149 -9.03 -0.24 -37.88
CA VAL A 149 -9.55 1.14 -37.90
C VAL A 149 -10.65 1.23 -38.95
N GLY A 150 -11.90 1.25 -38.48
CA GLY A 150 -13.12 1.29 -39.27
C GLY A 150 -13.84 -0.05 -39.24
N GLY A 151 -15.14 -0.01 -39.01
CA GLY A 151 -15.99 -1.21 -39.00
C GLY A 151 -17.24 -0.97 -38.18
N THR A 152 -18.05 -1.99 -37.99
CA THR A 152 -19.19 -1.96 -37.06
C THR A 152 -18.76 -2.56 -35.71
N ILE A 153 -19.36 -2.05 -34.63
CA ILE A 153 -19.21 -2.58 -33.24
C ILE A 153 -20.63 -2.81 -32.72
N THR A 154 -21.02 -4.08 -32.63
CA THR A 154 -22.32 -4.50 -32.08
C THR A 154 -22.16 -4.56 -30.54
N THR A 155 -22.63 -3.54 -29.81
CA THR A 155 -22.35 -3.38 -28.38
C THR A 155 -22.94 -4.56 -27.57
N GLY A 156 -24.16 -5.03 -27.89
CA GLY A 156 -24.84 -6.18 -27.23
C GLY A 156 -23.99 -7.45 -27.22
N ASN A 157 -23.29 -7.75 -28.32
CA ASN A 157 -22.39 -8.93 -28.40
C ASN A 157 -21.36 -8.82 -27.28
N HIS A 158 -20.74 -7.64 -27.13
CA HIS A 158 -19.77 -7.37 -26.04
C HIS A 158 -20.50 -7.43 -24.70
N PHE A 159 -21.64 -6.76 -24.52
CA PHE A 159 -22.33 -6.68 -23.22
C PHE A 159 -22.70 -8.10 -22.77
N ASP A 160 -23.20 -8.94 -23.69
CA ASP A 160 -23.71 -10.30 -23.41
C ASP A 160 -22.54 -11.18 -22.93
N ALA A 161 -21.39 -11.07 -23.60
CA ALA A 161 -20.16 -11.81 -23.23
C ALA A 161 -19.66 -11.34 -21.85
N TRP A 162 -19.72 -10.04 -21.56
CA TRP A 162 -19.28 -9.50 -20.26
C TRP A 162 -20.17 -10.10 -19.16
N ALA A 163 -21.48 -10.03 -19.30
CA ALA A 163 -22.45 -10.62 -18.36
C ALA A 163 -22.09 -12.10 -18.08
N SER A 164 -21.82 -12.90 -19.13
CA SER A 164 -21.48 -14.35 -19.05
C SER A 164 -20.24 -14.58 -18.19
N TYR A 165 -19.33 -13.60 -18.09
CA TYR A 165 -18.12 -13.65 -17.23
C TYR A 165 -18.38 -12.94 -15.87
N GLY A 166 -19.62 -12.62 -15.53
CA GLY A 166 -19.93 -11.91 -14.27
C GLY A 166 -19.56 -10.43 -14.27
N MET A 167 -19.35 -9.84 -15.45
CA MET A 167 -19.05 -8.38 -15.62
C MET A 167 -20.35 -7.64 -15.96
N ASN A 168 -21.04 -7.19 -14.91
CA ASN A 168 -22.44 -6.67 -14.98
C ASN A 168 -22.39 -5.14 -15.11
N LEU A 169 -23.29 -4.59 -15.90
CA LEU A 169 -23.33 -3.15 -16.26
C LEU A 169 -24.47 -2.48 -15.51
N GLY A 170 -24.34 -1.16 -15.27
CA GLY A 170 -25.36 -0.33 -14.61
C GLY A 170 -26.33 0.30 -15.62
N THR A 171 -26.98 1.36 -15.16
CA THR A 171 -27.77 2.33 -15.98
C THR A 171 -26.78 3.10 -16.88
N HIS A 172 -27.02 3.05 -18.19
CA HIS A 172 -26.13 3.62 -19.24
C HIS A 172 -26.07 5.13 -19.05
N ASN A 173 -24.83 5.62 -18.89
CA ASN A 173 -24.47 7.03 -19.15
C ASN A 173 -24.06 7.08 -20.63
N TYR A 174 -23.12 7.97 -20.99
CA TYR A 174 -22.81 8.21 -22.41
C TYR A 174 -21.97 7.05 -22.94
N MET A 175 -21.97 6.97 -24.27
CA MET A 175 -21.27 5.98 -25.12
C MET A 175 -20.81 6.72 -26.40
N VAL A 176 -19.50 6.77 -26.66
CA VAL A 176 -18.94 7.55 -27.80
C VAL A 176 -17.82 6.74 -28.44
N MET A 177 -17.60 6.96 -29.73
CA MET A 177 -16.50 6.30 -30.44
C MET A 177 -15.27 7.18 -30.21
N ALA A 178 -14.41 6.77 -29.28
CA ALA A 178 -13.45 7.69 -28.65
C ALA A 178 -12.06 7.45 -29.22
N THR A 179 -11.23 8.49 -29.17
CA THR A 179 -9.76 8.43 -29.24
C THR A 179 -9.24 8.75 -27.84
N GLU A 180 -8.17 8.07 -27.39
CA GLU A 180 -7.56 8.24 -26.05
C GLU A 180 -6.05 8.30 -26.22
N GLY A 181 -5.41 9.27 -25.54
CA GLY A 181 -3.95 9.44 -25.51
C GLY A 181 -3.44 9.38 -24.08
N PHE A 182 -2.27 8.77 -23.90
CA PHE A 182 -1.57 8.67 -22.59
C PHE A 182 -0.07 8.91 -22.85
N GLN A 183 0.39 10.13 -22.54
CA GLN A 183 1.82 10.52 -22.63
C GLN A 183 2.30 10.22 -24.05
N SER A 184 1.53 10.68 -25.04
CA SER A 184 1.65 10.30 -26.47
C SER A 184 1.40 11.52 -27.34
N SER A 185 1.72 11.42 -28.62
CA SER A 185 1.28 12.34 -29.68
C SER A 185 0.57 11.53 -30.77
N GLY A 186 -0.25 12.17 -31.58
CA GLY A 186 -0.97 11.45 -32.64
C GLY A 186 -2.18 12.24 -33.07
N SER A 187 -3.02 11.62 -33.90
CA SER A 187 -4.12 12.32 -34.56
C SER A 187 -5.22 11.29 -34.89
N SER A 188 -6.47 11.74 -35.00
CA SER A 188 -7.59 10.90 -35.45
C SER A 188 -8.57 11.74 -36.25
N ASP A 189 -9.31 11.04 -37.11
CA ASP A 189 -10.41 11.58 -37.93
C ASP A 189 -11.42 10.44 -38.02
N ILE A 190 -12.57 10.59 -37.36
CA ILE A 190 -13.53 9.49 -37.08
C ILE A 190 -14.94 10.01 -37.36
N THR A 191 -15.71 9.26 -38.13
CA THR A 191 -17.12 9.58 -38.41
C THR A 191 -17.94 8.45 -37.80
N VAL A 192 -18.92 8.77 -36.95
CA VAL A 192 -19.79 7.78 -36.25
C VAL A 192 -21.17 7.79 -36.90
N SER A 193 -21.89 6.66 -36.85
CA SER A 193 -23.29 6.51 -37.30
C SER A 193 -23.99 5.31 -36.63
N ASP A 194 -25.31 5.20 -36.83
CA ASP A 194 -26.15 4.04 -36.46
C ASP A 194 -26.30 3.10 -37.67
N ALA B 2 1.38 -28.13 -14.37
CA ALA B 2 1.01 -27.55 -13.07
C ALA B 2 -0.51 -27.50 -12.93
N GLN B 3 -1.03 -27.67 -11.73
CA GLN B 3 -2.49 -27.59 -11.47
C GLN B 3 -2.99 -26.15 -11.70
N GLN B 4 -4.28 -26.00 -11.97
CA GLN B 4 -4.91 -24.66 -12.11
C GLN B 4 -5.97 -24.54 -11.02
N CYS B 5 -7.12 -25.20 -11.18
CA CYS B 5 -8.24 -25.15 -10.23
C CYS B 5 -8.14 -26.40 -9.34
N ILE B 6 -8.32 -26.25 -8.04
CA ILE B 6 -8.14 -27.33 -7.03
C ILE B 6 -9.36 -27.28 -6.11
N THR B 7 -9.68 -28.38 -5.41
CA THR B 7 -10.84 -28.44 -4.51
C THR B 7 -10.49 -29.03 -3.14
N SER B 8 -9.22 -29.34 -2.85
CA SER B 8 -8.81 -29.98 -1.57
C SER B 8 -7.73 -29.13 -0.87
N SER B 9 -7.76 -29.09 0.46
CA SER B 9 -6.88 -28.20 1.27
C SER B 9 -5.44 -28.49 0.89
N GLN B 10 -4.66 -27.45 0.67
CA GLN B 10 -3.23 -27.54 0.35
C GLN B 10 -2.60 -26.15 0.40
N THR B 11 -1.27 -26.13 0.34
CA THR B 11 -0.42 -24.93 0.32
C THR B 11 0.61 -25.18 -0.77
N GLY B 12 1.29 -24.14 -1.25
CA GLY B 12 2.21 -24.25 -2.37
C GLY B 12 2.69 -22.90 -2.82
N PHE B 13 3.29 -22.89 -4.01
CA PHE B 13 3.83 -21.70 -4.71
C PHE B 13 3.26 -21.72 -6.12
N HIS B 14 2.83 -20.56 -6.64
CA HIS B 14 2.27 -20.40 -8.00
C HIS B 14 2.36 -18.93 -8.40
N GLY B 15 2.89 -18.68 -9.60
CA GLY B 15 3.01 -17.32 -10.17
C GLY B 15 4.03 -16.48 -9.45
N GLY B 16 4.92 -17.09 -8.66
CA GLY B 16 5.96 -16.38 -7.88
C GLY B 16 5.44 -15.94 -6.53
N TYR B 17 4.32 -16.52 -6.09
CA TYR B 17 3.64 -16.20 -4.80
C TYR B 17 3.34 -17.48 -4.02
N PHE B 18 3.30 -17.34 -2.71
CA PHE B 18 2.77 -18.40 -1.82
C PHE B 18 1.26 -18.40 -2.01
N TYR B 19 0.63 -19.56 -1.82
CA TYR B 19 -0.83 -19.62 -1.67
C TYR B 19 -1.16 -20.62 -0.58
N SER B 20 -2.26 -20.38 0.14
CA SER B 20 -2.86 -21.37 1.05
C SER B 20 -4.34 -21.47 0.72
N PHE B 21 -4.85 -22.69 0.67
CA PHE B 21 -6.27 -22.98 0.44
C PHE B 21 -6.69 -24.06 1.43
N TRP B 22 -7.79 -23.81 2.13
CA TRP B 22 -8.32 -24.71 3.16
C TRP B 22 -9.84 -24.75 3.11
N THR B 23 -10.40 -25.95 3.17
CA THR B 23 -11.86 -26.17 3.27
C THR B 23 -12.06 -27.39 4.16
N ASP B 24 -13.09 -27.35 4.98
CA ASP B 24 -13.49 -28.46 5.89
C ASP B 24 -14.18 -29.57 5.08
N GLY B 25 -14.43 -29.34 3.78
CA GLY B 25 -15.04 -30.35 2.88
C GLY B 25 -16.55 -30.20 2.77
N GLY B 26 -17.18 -29.38 3.61
CA GLY B 26 -18.61 -29.00 3.44
C GLY B 26 -18.87 -28.30 2.11
N GLY B 27 -19.95 -28.69 1.41
CA GLY B 27 -20.42 -28.07 0.15
C GLY B 27 -19.38 -28.10 -0.96
N SER B 28 -19.30 -27.03 -1.75
CA SER B 28 -18.44 -26.94 -2.95
C SER B 28 -17.60 -25.66 -2.92
N VAL B 29 -16.30 -25.78 -3.16
CA VAL B 29 -15.44 -24.59 -3.35
C VAL B 29 -14.41 -24.94 -4.40
N SER B 30 -14.30 -24.11 -5.42
CA SER B 30 -13.24 -24.16 -6.43
C SER B 30 -12.29 -22.99 -6.20
N PHE B 31 -10.99 -23.24 -6.21
CA PHE B 31 -9.92 -22.24 -6.01
C PHE B 31 -8.98 -22.34 -7.23
N CYS B 32 -8.81 -21.26 -7.99
CA CYS B 32 -8.08 -21.30 -9.28
C CYS B 32 -6.84 -20.41 -9.18
N LEU B 33 -5.70 -21.01 -9.51
CA LEU B 33 -4.37 -20.39 -9.49
C LEU B 33 -4.15 -19.80 -10.88
N LEU B 34 -4.07 -18.48 -11.00
CA LEU B 34 -3.87 -17.82 -12.32
C LEU B 34 -2.59 -16.99 -12.26
N ASN B 35 -2.30 -16.23 -13.32
CA ASN B 35 -0.96 -15.64 -13.54
C ASN B 35 -0.57 -14.75 -12.35
N GLY B 36 0.73 -14.80 -11.99
CA GLY B 36 1.34 -13.91 -11.00
C GLY B 36 0.60 -14.00 -9.67
N GLY B 37 0.11 -12.86 -9.18
CA GLY B 37 -0.53 -12.73 -7.86
C GLY B 37 -2.01 -13.05 -7.92
N ARG B 38 -2.48 -13.69 -9.00
CA ARG B 38 -3.93 -13.79 -9.28
C ARG B 38 -4.45 -15.15 -8.85
N TYR B 39 -5.56 -15.14 -8.13
CA TYR B 39 -6.33 -16.35 -7.85
C TYR B 39 -7.79 -15.98 -8.05
N THR B 40 -8.65 -16.98 -8.34
CA THR B 40 -10.13 -16.84 -8.29
C THR B 40 -10.70 -17.96 -7.43
N SER B 41 -11.91 -17.77 -6.96
CA SER B 41 -12.62 -18.75 -6.11
C SER B 41 -14.10 -18.68 -6.43
N GLN B 42 -14.75 -19.83 -6.36
CA GLN B 42 -16.23 -19.89 -6.41
C GLN B 42 -16.67 -20.93 -5.39
N TRP B 43 -17.68 -20.59 -4.60
CA TRP B 43 -18.19 -21.52 -3.56
C TRP B 43 -19.73 -21.49 -3.52
N SER B 44 -20.28 -22.65 -3.20
CA SER B 44 -21.72 -22.95 -3.15
C SER B 44 -22.02 -23.74 -1.88
N ASN B 45 -22.86 -23.20 -1.00
CA ASN B 45 -23.37 -23.87 0.22
C ASN B 45 -22.20 -24.53 0.94
N VAL B 46 -21.12 -23.77 1.15
CA VAL B 46 -19.82 -24.28 1.68
C VAL B 46 -19.97 -24.47 3.19
N GLY B 47 -19.14 -25.30 3.81
CA GLY B 47 -19.05 -25.40 5.28
C GLY B 47 -18.23 -24.25 5.82
N ASN B 48 -16.93 -24.32 5.58
CA ASN B 48 -15.94 -23.27 5.94
C ASN B 48 -14.75 -23.42 4.99
N TRP B 49 -14.35 -22.33 4.36
CA TRP B 49 -13.10 -22.27 3.55
C TRP B 49 -12.45 -20.90 3.70
N VAL B 50 -11.14 -20.84 3.48
CA VAL B 50 -10.32 -19.59 3.50
C VAL B 50 -9.07 -19.91 2.69
N GLY B 51 -8.73 -19.01 1.79
CA GLY B 51 -7.48 -19.11 1.04
C GLY B 51 -7.19 -17.88 0.23
N GLY B 52 -5.94 -17.79 -0.22
CA GLY B 52 -5.46 -16.71 -1.09
C GLY B 52 -4.01 -16.91 -1.43
N LYS B 53 -3.46 -15.93 -2.14
CA LYS B 53 -2.04 -15.78 -2.50
C LYS B 53 -1.43 -14.67 -1.65
N GLY B 54 -0.13 -14.78 -1.42
CA GLY B 54 0.65 -13.80 -0.68
C GLY B 54 2.04 -14.36 -0.45
N TRP B 55 2.41 -14.60 0.81
CA TRP B 55 3.81 -14.83 1.25
C TRP B 55 3.85 -15.94 2.30
N GLN B 56 4.83 -16.84 2.19
CA GLN B 56 5.06 -17.94 3.16
C GLN B 56 5.39 -17.34 4.54
N THR B 57 6.08 -16.20 4.57
CA THR B 57 6.41 -15.49 5.83
C THR B 57 5.78 -14.11 5.79
N GLY B 58 4.87 -13.83 6.72
CA GLY B 58 4.29 -12.50 6.91
C GLY B 58 5.27 -11.54 7.55
N GLY B 59 4.80 -10.34 7.87
CA GLY B 59 5.63 -9.25 8.41
C GLY B 59 5.04 -7.92 7.97
N ARG B 60 5.62 -6.82 8.45
CA ARG B 60 5.30 -5.46 7.94
C ARG B 60 5.49 -5.46 6.42
N ARG B 61 4.45 -5.14 5.67
CA ARG B 61 4.49 -5.11 4.19
C ARG B 61 3.39 -4.16 3.71
N VAL B 62 3.58 -3.46 2.59
CA VAL B 62 2.50 -2.73 1.89
C VAL B 62 1.87 -3.69 0.89
N VAL B 63 0.68 -4.22 1.18
CA VAL B 63 0.03 -5.27 0.34
C VAL B 63 -0.93 -4.55 -0.60
N SER B 64 -0.62 -4.55 -1.90
CA SER B 64 -1.54 -4.03 -2.93
C SER B 64 -2.35 -5.20 -3.47
N TYR B 65 -3.68 -5.06 -3.50
CA TYR B 65 -4.56 -6.05 -4.15
C TYR B 65 -5.61 -5.27 -4.95
N SER B 66 -6.19 -5.91 -5.94
CA SER B 66 -7.34 -5.39 -6.73
C SER B 66 -8.22 -6.58 -7.13
N GLY B 67 -9.51 -6.36 -7.34
CA GLY B 67 -10.38 -7.43 -7.87
C GLY B 67 -11.79 -7.34 -7.35
N THR B 68 -12.51 -8.46 -7.36
CA THR B 68 -13.96 -8.53 -7.05
C THR B 68 -14.20 -9.56 -5.96
N PHE B 69 -15.30 -9.36 -5.26
CA PHE B 69 -15.75 -10.18 -4.13
C PHE B 69 -17.27 -10.04 -4.07
N ASN B 70 -17.99 -11.15 -4.18
CA ASN B 70 -19.48 -11.22 -4.10
C ASN B 70 -19.92 -12.43 -3.26
N THR B 71 -20.97 -12.26 -2.49
CA THR B 71 -21.58 -13.34 -1.69
C THR B 71 -23.04 -13.01 -1.47
N SER B 72 -23.87 -14.04 -1.33
CA SER B 72 -25.29 -13.94 -0.93
C SER B 72 -25.41 -14.24 0.57
N GLY B 73 -24.27 -14.42 1.25
CA GLY B 73 -24.24 -14.94 2.62
C GLY B 73 -23.06 -14.42 3.42
N ASN B 74 -22.56 -15.27 4.32
CA ASN B 74 -21.52 -14.93 5.31
C ASN B 74 -20.14 -15.27 4.74
N SER B 75 -19.43 -14.27 4.22
CA SER B 75 -18.13 -14.40 3.54
C SER B 75 -17.33 -13.14 3.83
N TYR B 76 -16.01 -13.19 3.75
CA TYR B 76 -15.27 -11.92 3.80
C TYR B 76 -14.00 -11.97 2.98
N LEU B 77 -13.44 -10.77 2.85
CA LEU B 77 -12.24 -10.42 2.06
C LEU B 77 -11.31 -9.71 3.02
N ALA B 78 -10.14 -10.30 3.23
CA ALA B 78 -9.28 -9.93 4.39
C ALA B 78 -7.85 -10.41 4.14
N LEU B 79 -6.87 -9.54 4.39
CA LEU B 79 -5.49 -10.05 4.58
C LEU B 79 -5.48 -11.00 5.78
N TYR B 80 -4.93 -12.19 5.59
CA TYR B 80 -5.09 -13.31 6.54
C TYR B 80 -3.72 -13.96 6.80
N GLY B 81 -3.45 -14.33 8.06
CA GLY B 81 -2.19 -14.98 8.43
C GLY B 81 -2.15 -15.53 9.84
N TRP B 82 -0.99 -16.08 10.20
CA TRP B 82 -0.73 -16.74 11.50
C TRP B 82 0.64 -16.31 12.01
N THR B 83 0.75 -16.23 13.32
CA THR B 83 2.02 -16.31 14.06
C THR B 83 1.97 -17.57 14.93
N THR B 84 3.15 -18.13 15.21
CA THR B 84 3.39 -19.17 16.25
C THR B 84 4.26 -18.55 17.36
N ASN B 85 4.07 -19.05 18.58
CA ASN B 85 4.90 -18.69 19.77
C ASN B 85 4.73 -17.20 20.06
N PRO B 86 3.51 -16.70 20.38
CA PRO B 86 2.31 -17.53 20.42
C PRO B 86 1.55 -17.76 19.09
N LEU B 87 0.52 -18.61 19.19
CA LEU B 87 -0.39 -19.01 18.10
C LEU B 87 -1.46 -17.93 17.96
N VAL B 88 -1.50 -17.28 16.78
CA VAL B 88 -2.48 -16.20 16.44
C VAL B 88 -2.95 -16.39 14.99
N GLU B 89 -4.28 -16.47 14.83
CA GLU B 89 -4.99 -16.23 13.55
C GLU B 89 -5.36 -14.74 13.50
N TYR B 90 -4.99 -14.03 12.44
CA TYR B 90 -5.28 -12.59 12.33
C TYR B 90 -5.93 -12.27 10.97
N TYR B 91 -6.77 -11.23 10.98
CA TYR B 91 -7.56 -10.75 9.82
C TYR B 91 -7.46 -9.23 9.71
N ILE B 92 -7.26 -8.74 8.50
CA ILE B 92 -7.52 -7.32 8.19
C ILE B 92 -8.63 -7.33 7.13
N VAL B 93 -9.87 -7.24 7.60
CA VAL B 93 -11.10 -7.41 6.78
C VAL B 93 -11.43 -6.09 6.11
N ASP B 94 -11.43 -6.07 4.78
CA ASP B 94 -11.84 -4.91 3.95
C ASP B 94 -13.31 -5.05 3.53
N SER B 95 -13.81 -6.27 3.35
CA SER B 95 -15.23 -6.44 2.96
C SER B 95 -15.78 -7.73 3.54
N TRP B 96 -17.11 -7.81 3.54
CA TRP B 96 -17.91 -8.89 4.15
C TRP B 96 -19.29 -8.94 3.50
N GLY B 97 -20.08 -9.95 3.85
CA GLY B 97 -21.41 -10.15 3.26
C GLY B 97 -22.48 -9.66 4.21
N THR B 98 -23.23 -10.60 4.76
CA THR B 98 -24.45 -10.36 5.57
C THR B 98 -24.07 -10.28 7.06
N TRP B 99 -22.86 -10.71 7.45
CA TRP B 99 -22.38 -10.66 8.86
C TRP B 99 -21.03 -9.94 8.94
N ARG B 100 -21.01 -8.75 9.53
CA ARG B 100 -19.78 -7.99 9.78
C ARG B 100 -19.02 -8.68 10.91
N PRO B 101 -17.85 -9.28 10.63
CA PRO B 101 -17.13 -10.01 11.67
C PRO B 101 -16.42 -9.04 12.63
N PRO B 102 -16.05 -9.51 13.84
CA PRO B 102 -16.50 -10.79 14.37
C PRO B 102 -17.79 -10.67 15.19
N GLY B 103 -18.78 -9.95 14.66
CA GLY B 103 -20.07 -9.66 15.34
C GLY B 103 -19.87 -8.92 16.66
N GLY B 104 -19.15 -7.79 16.66
CA GLY B 104 -19.04 -6.87 17.80
C GLY B 104 -18.21 -7.42 18.96
N GLU B 105 -17.90 -8.74 18.99
CA GLU B 105 -17.20 -9.41 20.12
C GLU B 105 -15.79 -8.82 20.26
N GLY B 106 -15.39 -8.41 21.47
CA GLY B 106 -14.00 -8.14 21.88
C GLY B 106 -13.44 -6.80 21.42
N TYR B 107 -14.24 -5.74 21.29
CA TYR B 107 -13.76 -4.45 20.75
C TYR B 107 -12.61 -3.91 21.63
N MET B 108 -11.51 -3.46 21.00
CA MET B 108 -10.29 -2.98 21.70
C MET B 108 -10.07 -1.49 21.42
N GLY B 109 -10.40 -1.03 20.22
CA GLY B 109 -10.24 0.36 19.77
C GLY B 109 -10.36 0.44 18.27
N THR B 110 -9.80 1.50 17.69
CA THR B 110 -9.75 1.75 16.23
C THR B 110 -8.32 1.91 15.72
N VAL B 111 -8.18 2.05 14.41
CA VAL B 111 -6.91 2.41 13.71
C VAL B 111 -7.27 2.89 12.31
N PHE B 112 -6.62 3.95 11.88
CA PHE B 112 -6.75 4.52 10.52
C PHE B 112 -5.53 4.05 9.74
N SER B 113 -5.80 3.46 8.58
CA SER B 113 -4.79 2.94 7.65
C SER B 113 -5.35 2.98 6.22
N ASP B 114 -4.53 3.44 5.28
CA ASP B 114 -4.79 3.33 3.83
C ASP B 114 -6.13 4.00 3.50
N GLY B 115 -6.41 5.16 4.10
CA GLY B 115 -7.57 5.99 3.73
C GLY B 115 -8.86 5.54 4.38
N GLY B 116 -8.83 4.62 5.37
CA GLY B 116 -10.06 4.09 5.97
C GLY B 116 -9.93 3.88 7.46
N TRP B 117 -11.02 4.01 8.20
CA TRP B 117 -11.11 3.60 9.63
C TRP B 117 -11.39 2.10 9.72
N TYR B 118 -10.72 1.41 10.63
CA TYR B 118 -10.93 -0.01 11.00
C TYR B 118 -11.24 -0.09 12.49
N ASP B 119 -12.12 -1.00 12.91
CA ASP B 119 -12.30 -1.34 14.34
C ASP B 119 -11.42 -2.54 14.67
N VAL B 120 -10.82 -2.53 15.85
CA VAL B 120 -9.94 -3.65 16.30
C VAL B 120 -10.69 -4.50 17.31
N TYR B 121 -10.54 -5.82 17.20
CA TYR B 121 -11.24 -6.79 18.06
C TYR B 121 -10.26 -7.91 18.41
N ARG B 122 -10.44 -8.50 19.59
CA ARG B 122 -9.77 -9.77 19.95
C ARG B 122 -10.83 -10.77 20.40
N THR B 123 -10.76 -11.97 19.84
CA THR B 123 -11.68 -13.10 20.12
C THR B 123 -10.82 -14.34 20.37
N GLN B 124 -11.42 -15.41 20.86
CA GLN B 124 -10.69 -16.65 21.21
C GLN B 124 -11.37 -17.83 20.52
N ARG B 125 -10.58 -18.80 20.08
CA ARG B 125 -11.05 -20.07 19.48
C ARG B 125 -10.58 -21.21 20.39
N VAL B 126 -11.53 -22.06 20.80
CA VAL B 126 -11.33 -23.11 21.86
C VAL B 126 -11.23 -24.47 21.17
N ASN B 127 -10.10 -25.18 21.35
CA ASN B 127 -9.76 -26.44 20.64
C ASN B 127 -10.32 -26.34 19.21
N ALA B 128 -9.59 -25.66 18.33
CA ALA B 128 -10.05 -25.36 16.95
C ALA B 128 -8.97 -25.75 15.96
N PRO B 129 -9.35 -26.03 14.70
CA PRO B 129 -8.35 -26.30 13.65
C PRO B 129 -7.42 -25.09 13.50
N SER B 130 -6.15 -25.35 13.26
CA SER B 130 -5.08 -24.33 13.18
C SER B 130 -3.87 -24.94 12.48
N ILE B 131 -2.88 -24.11 12.18
CA ILE B 131 -1.65 -24.54 11.44
C ILE B 131 -0.81 -25.47 12.32
N GLU B 132 -1.17 -25.62 13.59
CA GLU B 132 -0.49 -26.56 14.53
C GLU B 132 -1.52 -27.58 15.06
N GLY B 133 -2.54 -27.89 14.25
CA GLY B 133 -3.60 -28.85 14.59
C GLY B 133 -4.61 -28.27 15.57
N ILE B 134 -5.36 -29.13 16.26
CA ILE B 134 -6.34 -28.75 17.32
C ILE B 134 -5.58 -28.00 18.41
N ARG B 135 -5.95 -26.74 18.66
CA ARG B 135 -5.28 -25.85 19.64
C ARG B 135 -6.27 -24.79 20.14
N THR B 136 -5.91 -24.09 21.22
CA THR B 136 -6.61 -22.89 21.74
C THR B 136 -5.73 -21.68 21.41
N PHE B 137 -6.33 -20.58 20.95
CA PHE B 137 -5.57 -19.39 20.47
C PHE B 137 -6.47 -18.17 20.31
N TYR B 138 -5.84 -17.00 20.34
CA TYR B 138 -6.50 -15.71 20.04
C TYR B 138 -6.59 -15.48 18.52
N GLN B 139 -7.65 -14.78 18.13
CA GLN B 139 -7.81 -14.13 16.81
C GLN B 139 -7.67 -12.61 17.00
N TYR B 140 -6.86 -11.96 16.17
CA TYR B 140 -6.75 -10.48 16.12
C TYR B 140 -7.50 -10.01 14.87
N TRP B 141 -8.26 -8.94 14.96
CA TRP B 141 -9.02 -8.41 13.80
C TRP B 141 -8.77 -6.92 13.66
N SER B 142 -8.57 -6.46 12.44
CA SER B 142 -8.94 -5.10 11.97
C SER B 142 -10.10 -5.28 10.99
N VAL B 143 -11.18 -4.54 11.20
CA VAL B 143 -12.40 -4.63 10.33
C VAL B 143 -12.77 -3.22 9.88
N ARG B 144 -12.76 -2.98 8.57
CA ARG B 144 -12.99 -1.63 8.02
C ARG B 144 -14.41 -1.24 8.40
N GLN B 145 -14.66 0.04 8.65
CA GLN B 145 -15.98 0.53 9.14
C GLN B 145 -16.95 0.46 7.95
N GLN B 146 -16.46 0.85 6.77
CA GLN B 146 -17.16 0.78 5.46
C GLN B 146 -16.46 -0.23 4.53
N LYS B 147 -17.25 -1.06 3.85
CA LYS B 147 -16.80 -2.11 2.92
C LYS B 147 -15.91 -1.45 1.86
N ARG B 148 -14.74 -2.04 1.60
CA ARG B 148 -13.89 -1.72 0.44
C ARG B 148 -13.49 -3.05 -0.21
N VAL B 149 -13.48 -3.08 -1.54
CA VAL B 149 -12.82 -4.15 -2.33
C VAL B 149 -11.84 -3.48 -3.27
N GLY B 150 -10.54 -3.59 -2.93
CA GLY B 150 -9.44 -3.09 -3.76
C GLY B 150 -8.71 -1.98 -3.05
N GLY B 151 -7.39 -1.99 -3.13
CA GLY B 151 -6.53 -0.94 -2.54
C GLY B 151 -5.30 -1.54 -1.90
N THR B 152 -4.72 -0.84 -0.92
CA THR B 152 -3.46 -1.25 -0.24
C THR B 152 -3.78 -1.49 1.22
N ILE B 153 -3.23 -2.56 1.77
CA ILE B 153 -3.22 -2.81 3.24
C ILE B 153 -1.77 -2.71 3.71
N THR B 154 -1.44 -1.64 4.42
CA THR B 154 -0.18 -1.36 5.17
C THR B 154 -0.24 -2.11 6.53
N THR B 155 0.35 -3.31 6.62
CA THR B 155 0.13 -4.27 7.74
C THR B 155 0.75 -3.74 9.05
N GLY B 156 1.85 -3.02 8.93
CA GLY B 156 2.49 -2.34 10.05
C GLY B 156 1.50 -1.51 10.85
N ASN B 157 0.67 -0.70 10.21
CA ASN B 157 -0.29 0.17 10.93
C ASN B 157 -1.19 -0.69 11.79
N HIS B 158 -1.59 -1.85 11.27
CA HIS B 158 -2.49 -2.83 11.93
C HIS B 158 -1.72 -3.50 13.07
N PHE B 159 -0.51 -4.00 12.80
CA PHE B 159 0.34 -4.70 13.80
C PHE B 159 0.66 -3.73 14.94
N ASP B 160 1.00 -2.47 14.62
CA ASP B 160 1.25 -1.42 15.64
C ASP B 160 0.02 -1.29 16.53
N ALA B 161 -1.13 -0.96 15.95
CA ALA B 161 -2.38 -0.67 16.68
C ALA B 161 -2.73 -1.86 17.57
N TRP B 162 -2.59 -3.08 17.07
CA TRP B 162 -2.90 -4.30 17.86
C TRP B 162 -2.01 -4.35 19.11
N ALA B 163 -0.69 -4.15 18.95
CA ALA B 163 0.30 -4.27 20.05
C ALA B 163 0.00 -3.20 21.10
N SER B 164 -0.41 -2.02 20.67
CA SER B 164 -0.82 -0.90 21.57
C SER B 164 -2.05 -1.31 22.40
N TYR B 165 -2.90 -2.22 21.92
CA TYR B 165 -4.09 -2.71 22.67
C TYR B 165 -3.73 -4.00 23.42
N GLY B 166 -2.44 -4.29 23.51
CA GLY B 166 -1.91 -5.46 24.24
C GLY B 166 -2.12 -6.75 23.48
N MET B 167 -2.26 -6.67 22.14
CA MET B 167 -2.40 -7.86 21.24
C MET B 167 -1.08 -8.11 20.52
N ASN B 168 -0.27 -9.03 21.04
CA ASN B 168 1.14 -9.21 20.64
C ASN B 168 1.22 -10.40 19.69
N LEU B 169 1.96 -10.24 18.61
CA LEU B 169 2.16 -11.27 17.57
C LEU B 169 3.36 -12.15 17.93
N GLY B 170 3.36 -13.41 17.49
CA GLY B 170 4.52 -14.30 17.64
C GLY B 170 5.41 -14.24 16.41
N THR B 171 6.04 -15.36 16.06
CA THR B 171 6.85 -15.53 14.82
C THR B 171 5.88 -15.63 13.63
N HIS B 172 6.11 -14.83 12.58
CA HIS B 172 5.25 -14.82 11.37
C HIS B 172 5.27 -16.20 10.69
N ASN B 173 4.09 -16.81 10.58
CA ASN B 173 3.82 -17.84 9.53
C ASN B 173 3.28 -17.12 8.29
N TYR B 174 2.38 -17.74 7.53
CA TYR B 174 1.98 -17.24 6.18
C TYR B 174 1.09 -16.00 6.32
N MET B 175 1.00 -15.25 5.23
CA MET B 175 0.18 -14.02 5.14
C MET B 175 -0.36 -13.94 3.70
N VAL B 176 -1.69 -14.06 3.53
CA VAL B 176 -2.31 -14.10 2.17
C VAL B 176 -3.49 -13.14 2.11
N MET B 177 -3.75 -12.61 0.92
CA MET B 177 -4.97 -11.83 0.61
C MET B 177 -6.07 -12.84 0.33
N ALA B 178 -6.91 -13.11 1.31
CA ALA B 178 -7.78 -14.30 1.34
C ALA B 178 -9.25 -13.92 1.13
N THR B 179 -10.01 -14.94 0.72
CA THR B 179 -11.48 -15.01 0.66
C THR B 179 -11.90 -16.12 1.63
N GLU B 180 -12.90 -15.86 2.47
CA GLU B 180 -13.41 -16.86 3.45
C GLU B 180 -14.94 -16.93 3.28
N GLY B 181 -15.48 -18.13 3.40
CA GLY B 181 -16.93 -18.38 3.39
C GLY B 181 -17.32 -19.31 4.51
N PHE B 182 -18.40 -18.99 5.22
CA PHE B 182 -19.04 -19.85 6.24
C PHE B 182 -20.53 -20.02 5.91
N GLN B 183 -20.95 -21.24 5.57
CA GLN B 183 -22.37 -21.63 5.32
C GLN B 183 -22.95 -20.63 4.30
N SER B 184 -22.24 -20.40 3.20
CA SER B 184 -22.48 -19.26 2.28
C SER B 184 -22.13 -19.68 0.86
N SER B 185 -22.47 -18.82 -0.10
CA SER B 185 -22.13 -18.93 -1.54
C SER B 185 -21.55 -17.60 -2.04
N GLY B 186 -20.78 -17.63 -3.13
CA GLY B 186 -20.20 -16.41 -3.71
C GLY B 186 -18.99 -16.73 -4.54
N SER B 187 -18.19 -15.72 -4.87
CA SER B 187 -17.05 -15.85 -5.78
C SER B 187 -16.08 -14.72 -5.48
N SER B 188 -14.84 -14.84 -5.94
CA SER B 188 -13.87 -13.73 -5.83
C SER B 188 -12.88 -13.86 -6.97
N ASP B 189 -12.26 -12.75 -7.30
CA ASP B 189 -11.17 -12.67 -8.29
C ASP B 189 -10.20 -11.62 -7.77
N ILE B 190 -9.04 -12.06 -7.30
CA ILE B 190 -8.11 -11.24 -6.47
C ILE B 190 -6.69 -11.38 -7.02
N THR B 191 -6.02 -10.25 -7.21
CA THR B 191 -4.61 -10.17 -7.65
C THR B 191 -3.84 -9.40 -6.59
N VAL B 192 -2.80 -10.01 -6.05
CA VAL B 192 -1.99 -9.44 -4.95
C VAL B 192 -0.61 -9.10 -5.50
N SER B 193 0.03 -8.10 -4.91
CA SER B 193 1.42 -7.65 -5.21
C SER B 193 1.95 -6.89 -4.00
N ASP B 194 3.27 -6.69 -3.95
CA ASP B 194 3.90 -5.95 -2.84
C ASP B 194 3.47 -4.48 -2.93
N GLN C 3 40.97 6.32 33.59
CA GLN C 3 40.27 7.52 32.98
C GLN C 3 38.77 7.53 33.33
N GLN C 4 38.27 8.66 33.86
CA GLN C 4 36.90 8.82 34.42
C GLN C 4 36.19 9.95 33.66
N CYS C 5 36.40 11.23 33.98
CA CYS C 5 35.67 12.31 33.27
C CYS C 5 36.55 12.82 32.11
N ILE C 6 35.95 13.21 30.99
CA ILE C 6 36.64 13.54 29.71
C ILE C 6 35.94 14.74 29.09
N THR C 7 36.59 15.46 28.18
CA THR C 7 36.04 16.69 27.57
C THR C 7 36.29 16.78 26.06
N SER C 8 37.02 15.83 25.46
CA SER C 8 37.33 15.88 24.01
C SER C 8 36.75 14.65 23.30
N SER C 9 36.22 14.86 22.10
CA SER C 9 35.58 13.83 21.27
C SER C 9 36.49 12.61 21.21
N GLN C 10 35.94 11.44 21.54
CA GLN C 10 36.62 10.14 21.51
C GLN C 10 35.58 9.01 21.57
N THR C 11 36.08 7.78 21.42
CA THR C 11 35.34 6.50 21.61
C THR C 11 36.23 5.59 22.42
N GLY C 12 35.69 4.52 22.98
CA GLY C 12 36.49 3.47 23.61
C GLY C 12 35.64 2.46 24.34
N PHE C 13 36.24 1.80 25.31
CA PHE C 13 35.63 0.72 26.09
C PHE C 13 35.87 1.02 27.56
N HIS C 14 34.87 0.82 28.38
CA HIS C 14 34.89 1.11 29.83
C HIS C 14 33.76 0.33 30.49
N GLY C 15 34.09 -0.39 31.56
CA GLY C 15 33.14 -1.12 32.43
C GLY C 15 32.48 -2.25 31.69
N GLY C 16 33.16 -2.80 30.68
CA GLY C 16 32.65 -3.87 29.79
C GLY C 16 31.75 -3.34 28.68
N TYR C 17 31.59 -2.01 28.53
CA TYR C 17 30.74 -1.38 27.49
C TYR C 17 31.60 -0.48 26.58
N PHE C 18 31.12 -0.29 25.35
CA PHE C 18 31.60 0.72 24.37
C PHE C 18 31.00 2.07 24.75
N TYR C 19 31.74 3.15 24.49
CA TYR C 19 31.21 4.52 24.58
C TYR C 19 31.72 5.32 23.41
N SER C 20 30.98 6.35 23.07
CA SER C 20 31.32 7.37 22.07
C SER C 20 30.88 8.69 22.68
N PHE C 21 31.69 9.71 22.49
CA PHE C 21 31.45 11.07 23.02
C PHE C 21 31.96 12.03 21.98
N TRP C 22 31.13 12.98 21.59
CA TRP C 22 31.52 14.00 20.58
C TRP C 22 30.94 15.35 20.98
N THR C 23 31.75 16.40 20.85
CA THR C 23 31.33 17.81 21.05
C THR C 23 31.98 18.64 19.95
N ASP C 24 31.34 19.74 19.53
CA ASP C 24 31.96 20.67 18.55
C ASP C 24 32.87 21.64 19.31
N GLY C 25 32.94 21.52 20.65
CA GLY C 25 33.86 22.26 21.52
C GLY C 25 33.24 23.53 22.09
N GLY C 26 32.22 24.07 21.41
CA GLY C 26 31.36 25.19 21.86
C GLY C 26 30.83 24.97 23.27
N GLY C 27 30.94 25.99 24.12
CA GLY C 27 30.62 25.93 25.56
C GLY C 27 31.49 24.92 26.30
N SER C 28 30.93 24.27 27.32
CA SER C 28 31.62 23.21 28.12
C SER C 28 30.68 22.00 28.32
N VAL C 29 31.21 20.80 28.07
CA VAL C 29 30.54 19.52 28.46
C VAL C 29 31.57 18.64 29.15
N SER C 30 31.19 18.07 30.28
CA SER C 30 31.91 17.00 31.00
C SER C 30 31.13 15.69 30.84
N PHE C 31 31.83 14.57 30.63
CA PHE C 31 31.28 13.23 30.34
C PHE C 31 32.04 12.21 31.18
N CYS C 32 31.38 11.58 32.14
CA CYS C 32 32.03 10.72 33.15
C CYS C 32 31.71 9.25 32.88
N LEU C 33 32.74 8.41 32.94
CA LEU C 33 32.68 6.94 32.79
C LEU C 33 32.69 6.31 34.18
N LEU C 34 31.56 5.72 34.56
CA LEU C 34 31.35 5.08 35.88
C LEU C 34 31.19 3.57 35.68
N ASN C 35 30.83 2.85 36.74
CA ASN C 35 30.84 1.37 36.78
C ASN C 35 29.89 0.80 35.73
N GLY C 36 30.30 -0.29 35.08
CA GLY C 36 29.51 -1.06 34.09
C GLY C 36 29.00 -0.20 32.94
N GLY C 37 27.70 -0.17 32.74
CA GLY C 37 27.05 0.58 31.64
C GLY C 37 26.71 2.00 32.03
N ARG C 38 27.21 2.48 33.16
CA ARG C 38 26.81 3.82 33.66
C ARG C 38 27.71 4.90 33.07
N TYR C 39 27.13 6.06 32.80
CA TYR C 39 27.83 7.32 32.47
C TYR C 39 27.01 8.48 33.05
N THR C 40 27.67 9.59 33.39
CA THR C 40 26.99 10.86 33.70
C THR C 40 27.51 11.93 32.74
N SER C 41 26.74 12.98 32.59
CA SER C 41 27.08 14.10 31.70
C SER C 41 26.54 15.37 32.36
N GLN C 42 27.21 16.49 32.10
CA GLN C 42 26.83 17.84 32.56
C GLN C 42 27.28 18.80 31.46
N TRP C 43 26.46 19.76 31.07
CA TRP C 43 26.81 20.67 29.95
C TRP C 43 26.21 22.05 30.19
N SER C 44 26.87 23.07 29.64
CA SER C 44 26.51 24.50 29.86
C SER C 44 26.77 25.28 28.57
N ASN C 45 25.73 25.93 28.06
CA ASN C 45 25.79 26.83 26.88
C ASN C 45 26.64 26.16 25.79
N VAL C 46 26.50 24.82 25.70
CA VAL C 46 27.24 23.93 24.76
C VAL C 46 26.83 24.29 23.34
N GLY C 47 27.64 23.98 22.33
CA GLY C 47 27.27 24.23 20.92
C GLY C 47 26.45 23.07 20.40
N ASN C 48 27.08 21.89 20.29
CA ASN C 48 26.46 20.60 19.90
C ASN C 48 27.32 19.48 20.50
N TRP C 49 26.71 18.51 21.20
CA TRP C 49 27.41 17.30 21.72
C TRP C 49 26.45 16.11 21.79
N VAL C 50 26.98 14.90 21.69
CA VAL C 50 26.17 13.65 21.82
C VAL C 50 27.08 12.51 22.27
N GLY C 51 26.58 11.65 23.16
CA GLY C 51 27.38 10.52 23.64
C GLY C 51 26.66 9.63 24.63
N GLY C 52 27.14 8.40 24.76
CA GLY C 52 26.81 7.51 25.88
C GLY C 52 27.51 6.18 25.75
N LYS C 53 27.01 5.19 26.49
CA LYS C 53 27.50 3.80 26.49
C LYS C 53 26.54 2.89 25.70
N GLY C 54 27.07 1.77 25.25
CA GLY C 54 26.38 0.86 24.32
C GLY C 54 27.36 -0.10 23.72
N TRP C 55 27.32 -0.23 22.40
CA TRP C 55 27.95 -1.36 21.66
C TRP C 55 28.74 -0.80 20.47
N GLN C 56 29.93 -1.36 20.22
CA GLN C 56 30.81 -0.97 19.08
C GLN C 56 30.09 -1.32 17.76
N THR C 57 29.40 -2.46 17.77
CA THR C 57 28.59 -3.00 16.64
C THR C 57 27.11 -2.99 17.03
N GLY C 58 26.32 -2.12 16.41
CA GLY C 58 24.87 -2.04 16.61
C GLY C 58 24.15 -3.26 16.05
N GLY C 59 22.82 -3.20 15.97
CA GLY C 59 21.97 -4.27 15.41
C GLY C 59 20.74 -4.53 16.25
N ARG C 60 20.08 -5.67 16.02
CA ARG C 60 18.80 -6.03 16.68
C ARG C 60 19.14 -6.38 18.12
N ARG C 61 18.60 -5.62 19.07
CA ARG C 61 18.90 -5.80 20.51
C ARG C 61 17.75 -5.20 21.33
N VAL C 62 17.47 -5.82 22.47
CA VAL C 62 16.59 -5.26 23.53
C VAL C 62 17.46 -4.41 24.46
N VAL C 63 17.45 -3.10 24.27
CA VAL C 63 18.26 -2.17 25.09
C VAL C 63 17.45 -1.79 26.33
N SER C 64 17.97 -2.12 27.51
CA SER C 64 17.45 -1.67 28.81
C SER C 64 18.32 -0.50 29.29
N TYR C 65 17.73 0.59 29.76
CA TYR C 65 18.46 1.75 30.34
C TYR C 65 17.65 2.37 31.47
N SER C 66 18.33 3.05 32.40
CA SER C 66 17.71 3.70 33.59
C SER C 66 18.55 4.92 34.01
N GLY C 67 17.89 5.88 34.66
CA GLY C 67 18.52 7.03 35.33
C GLY C 67 17.72 8.29 35.13
N THR C 68 18.41 9.42 34.94
CA THR C 68 17.83 10.78 34.98
C THR C 68 18.39 11.62 33.82
N PHE C 69 17.60 12.61 33.43
CA PHE C 69 17.86 13.48 32.27
C PHE C 69 17.12 14.78 32.55
N ASN C 70 17.83 15.91 32.56
CA ASN C 70 17.29 17.27 32.86
C ASN C 70 17.91 18.28 31.92
N THR C 71 17.16 19.30 31.55
CA THR C 71 17.63 20.35 30.60
C THR C 71 16.64 21.52 30.63
N SER C 72 17.18 22.73 30.72
CA SER C 72 16.47 24.02 30.61
C SER C 72 16.28 24.40 29.14
N GLY C 73 16.66 23.53 28.20
CA GLY C 73 16.71 23.90 26.77
C GLY C 73 16.61 22.71 25.84
N ASN C 74 17.18 22.85 24.63
CA ASN C 74 17.08 21.86 23.53
C ASN C 74 18.13 20.75 23.75
N SER C 75 17.69 19.63 24.31
CA SER C 75 18.51 18.40 24.53
C SER C 75 17.59 17.20 24.28
N TYR C 76 18.15 16.03 23.96
CA TYR C 76 17.36 14.78 23.97
C TYR C 76 18.13 13.61 24.56
N LEU C 77 17.35 12.58 24.86
CA LEU C 77 17.79 11.26 25.34
C LEU C 77 17.31 10.25 24.29
N ALA C 78 18.25 9.56 23.65
CA ALA C 78 17.97 8.68 22.51
C ALA C 78 19.00 7.56 22.47
N LEU C 79 18.55 6.35 22.12
CA LEU C 79 19.47 5.38 21.50
C LEU C 79 19.93 5.98 20.16
N TYR C 80 21.23 5.91 19.90
CA TYR C 80 21.92 6.67 18.83
C TYR C 80 22.93 5.75 18.18
N GLY C 81 22.97 5.73 16.85
CA GLY C 81 23.83 4.80 16.11
C GLY C 81 24.13 5.26 14.70
N TRP C 82 24.99 4.51 14.03
CA TRP C 82 25.38 4.77 12.63
C TRP C 82 25.37 3.46 11.88
N THR C 83 25.20 3.53 10.56
CA THR C 83 25.53 2.44 9.60
C THR C 83 26.36 3.04 8.46
N THR C 84 27.06 2.18 7.73
CA THR C 84 27.83 2.51 6.49
C THR C 84 27.28 1.66 5.34
N ASN C 85 27.25 2.20 4.12
CA ASN C 85 26.89 1.45 2.88
C ASN C 85 25.41 1.04 2.96
N PRO C 86 24.46 2.00 3.05
CA PRO C 86 24.77 3.42 3.04
C PRO C 86 25.06 3.96 4.46
N LEU C 87 25.52 5.22 4.49
CA LEU C 87 25.83 5.97 5.72
C LEU C 87 24.54 6.56 6.28
N VAL C 88 24.11 6.08 7.45
CA VAL C 88 22.89 6.60 8.14
C VAL C 88 23.25 6.96 9.59
N GLU C 89 22.76 8.10 10.05
CA GLU C 89 22.73 8.51 11.48
C GLU C 89 21.29 8.33 11.97
N TYR C 90 21.09 7.57 13.05
CA TYR C 90 19.73 7.24 13.54
C TYR C 90 19.62 7.43 15.04
N TYR C 91 18.36 7.57 15.45
CA TYR C 91 17.89 8.08 16.76
C TYR C 91 16.56 7.41 17.13
N ILE C 92 16.50 6.78 18.30
CA ILE C 92 15.22 6.43 18.96
C ILE C 92 15.12 7.31 20.20
N VAL C 93 14.47 8.48 20.04
CA VAL C 93 14.34 9.53 21.09
C VAL C 93 13.22 9.13 22.03
N ASP C 94 13.56 8.89 23.31
CA ASP C 94 12.60 8.65 24.41
C ASP C 94 12.20 9.96 25.12
N SER C 95 13.04 11.01 25.10
CA SER C 95 12.71 12.28 25.80
C SER C 95 13.53 13.43 25.23
N TRP C 96 13.04 14.65 25.51
CA TRP C 96 13.59 15.91 24.94
C TRP C 96 13.29 17.05 25.92
N GLY C 97 13.69 18.27 25.55
CA GLY C 97 13.50 19.49 26.36
C GLY C 97 12.51 20.45 25.72
N THR C 98 12.97 21.63 25.29
CA THR C 98 12.10 22.73 24.81
C THR C 98 11.66 22.50 23.37
N TRP C 99 12.26 21.51 22.69
CA TRP C 99 12.06 21.21 21.24
C TRP C 99 11.96 19.70 21.05
N ARG C 100 10.85 19.24 20.47
CA ARG C 100 10.67 17.82 20.09
C ARG C 100 11.36 17.61 18.74
N PRO C 101 12.42 16.76 18.64
CA PRO C 101 13.07 16.53 17.37
C PRO C 101 12.18 15.67 16.47
N PRO C 102 12.39 15.70 15.13
CA PRO C 102 13.22 16.71 14.48
C PRO C 102 12.37 17.88 13.96
N GLY C 103 11.51 18.44 14.82
CA GLY C 103 10.60 19.55 14.48
C GLY C 103 9.55 19.17 13.44
N GLY C 104 9.14 17.90 13.41
CA GLY C 104 8.04 17.42 12.53
C GLY C 104 8.43 17.29 11.07
N GLU C 105 9.67 17.62 10.69
CA GLU C 105 10.14 17.56 9.28
C GLU C 105 10.32 16.09 8.86
N GLY C 106 9.94 15.76 7.62
CA GLY C 106 10.11 14.43 7.00
C GLY C 106 9.28 13.35 7.67
N TYR C 107 8.08 13.69 8.15
CA TYR C 107 7.15 12.73 8.79
C TYR C 107 6.84 11.57 7.82
N MET C 108 7.04 10.34 8.29
CA MET C 108 6.88 9.10 7.49
C MET C 108 5.73 8.25 8.01
N GLY C 109 5.48 8.26 9.33
CA GLY C 109 4.44 7.42 9.93
C GLY C 109 4.75 7.09 11.37
N THR C 110 4.23 5.96 11.86
CA THR C 110 4.26 5.57 13.28
C THR C 110 4.79 4.16 13.44
N VAL C 111 5.16 3.83 14.67
CA VAL C 111 5.55 2.46 15.10
C VAL C 111 5.21 2.39 16.58
N PHE C 112 4.86 1.20 17.08
CA PHE C 112 4.55 0.99 18.50
C PHE C 112 5.51 -0.08 19.02
N SER C 113 6.27 0.31 20.04
CA SER C 113 7.35 -0.52 20.61
C SER C 113 7.51 -0.20 22.10
N ASP C 114 7.71 -1.24 22.91
CA ASP C 114 8.10 -1.10 24.33
C ASP C 114 7.05 -0.21 25.02
N GLY C 115 5.77 -0.56 24.84
CA GLY C 115 4.61 0.09 25.48
C GLY C 115 4.41 1.54 25.07
N GLY C 116 4.92 2.00 23.93
CA GLY C 116 4.74 3.42 23.55
C GLY C 116 4.67 3.62 22.05
N TRP C 117 4.00 4.69 21.62
CA TRP C 117 3.95 5.16 20.21
C TRP C 117 5.15 6.05 19.93
N TYR C 118 5.74 5.92 18.75
CA TYR C 118 6.84 6.75 18.20
C TYR C 118 6.42 7.25 16.83
N ASP C 119 6.72 8.51 16.52
CA ASP C 119 6.58 9.14 15.19
C ASP C 119 7.91 8.97 14.43
N VAL C 120 7.83 8.51 13.19
CA VAL C 120 9.00 8.13 12.34
C VAL C 120 9.22 9.28 11.35
N TYR C 121 10.46 9.74 11.25
CA TYR C 121 10.88 10.87 10.38
C TYR C 121 12.16 10.47 9.65
N ARG C 122 12.29 10.94 8.41
CA ARG C 122 13.58 11.01 7.68
C ARG C 122 13.90 12.48 7.43
N THR C 123 15.16 12.86 7.69
CA THR C 123 15.73 14.20 7.43
C THR C 123 17.12 14.01 6.85
N GLN C 124 17.75 15.10 6.38
CA GLN C 124 19.04 15.04 5.63
C GLN C 124 20.07 16.02 6.20
N ARG C 125 21.33 15.60 6.12
CA ARG C 125 22.55 16.36 6.45
C ARG C 125 23.41 16.43 5.18
N VAL C 126 23.66 17.64 4.67
CA VAL C 126 24.53 17.88 3.48
C VAL C 126 25.87 18.44 3.97
N ASN C 127 26.98 17.78 3.62
CA ASN C 127 28.34 18.18 4.04
C ASN C 127 28.34 18.43 5.55
N ALA C 128 28.23 17.38 6.36
CA ALA C 128 28.23 17.44 7.84
C ALA C 128 29.21 16.42 8.39
N PRO C 129 29.72 16.61 9.63
CA PRO C 129 30.54 15.59 10.29
C PRO C 129 29.78 14.27 10.38
N SER C 130 30.53 13.16 10.39
CA SER C 130 30.04 11.78 10.20
C SER C 130 31.18 10.82 10.53
N ILE C 131 30.88 9.59 10.90
CA ILE C 131 31.94 8.60 11.19
C ILE C 131 32.80 8.37 9.94
N GLU C 132 32.49 9.00 8.81
CA GLU C 132 33.28 8.83 7.56
C GLU C 132 33.74 10.18 7.01
N GLY C 133 33.48 11.28 7.72
CA GLY C 133 34.01 12.62 7.41
C GLY C 133 32.91 13.60 7.05
N ILE C 134 33.25 14.62 6.27
CA ILE C 134 32.26 15.53 5.64
C ILE C 134 31.60 14.72 4.52
N ARG C 135 30.35 14.31 4.74
CA ARG C 135 29.54 13.50 3.79
C ARG C 135 28.12 14.05 3.80
N THR C 136 27.32 13.65 2.82
CA THR C 136 25.85 13.86 2.75
C THR C 136 25.17 12.53 3.06
N PHE C 137 24.21 12.51 3.99
CA PHE C 137 23.60 11.26 4.49
C PHE C 137 22.22 11.53 5.08
N TYR C 138 21.43 10.46 5.18
CA TYR C 138 20.10 10.51 5.80
C TYR C 138 20.23 10.29 7.31
N GLN C 139 19.31 10.92 8.06
CA GLN C 139 19.03 10.64 9.48
C GLN C 139 17.67 9.92 9.57
N TYR C 140 17.60 8.80 10.31
CA TYR C 140 16.35 8.04 10.60
C TYR C 140 15.95 8.30 12.06
N TRP C 141 14.69 8.71 12.26
CA TRP C 141 14.15 9.09 13.59
C TRP C 141 12.91 8.24 13.96
N SER C 142 12.94 7.65 15.15
CA SER C 142 11.76 7.34 15.98
C SER C 142 11.79 8.26 17.21
N VAL C 143 10.70 8.99 17.46
CA VAL C 143 10.55 9.96 18.59
C VAL C 143 9.24 9.63 19.29
N ARG C 144 9.32 9.14 20.53
CA ARG C 144 8.17 8.84 21.42
C ARG C 144 7.23 10.04 21.40
N GLN C 145 5.94 9.79 21.58
CA GLN C 145 4.86 10.81 21.52
C GLN C 145 4.77 11.49 22.88
N GLN C 146 4.95 10.73 23.97
CA GLN C 146 5.16 11.22 25.35
C GLN C 146 6.60 10.95 25.78
N LYS C 147 7.21 11.93 26.46
CA LYS C 147 8.54 11.83 27.08
C LYS C 147 8.53 10.71 28.11
N ARG C 148 9.54 9.86 28.03
CA ARG C 148 9.84 8.80 28.99
C ARG C 148 11.36 8.84 29.24
N VAL C 149 11.78 8.47 30.45
CA VAL C 149 13.19 8.33 30.87
C VAL C 149 13.32 7.01 31.63
N GLY C 150 13.69 5.95 30.93
CA GLY C 150 13.84 4.61 31.51
C GLY C 150 12.87 3.63 30.87
N GLY C 151 13.35 2.42 30.61
CA GLY C 151 12.60 1.37 29.90
C GLY C 151 13.51 0.61 28.96
N THR C 152 12.90 -0.26 28.14
CA THR C 152 13.55 -1.06 27.10
C THR C 152 13.28 -0.40 25.74
N ILE C 153 14.22 -0.58 24.83
CA ILE C 153 14.11 -0.14 23.41
C ILE C 153 14.49 -1.38 22.61
N THR C 154 13.49 -1.99 21.97
CA THR C 154 13.65 -3.13 21.04
C THR C 154 14.00 -2.54 19.67
N THR C 155 15.30 -2.44 19.35
CA THR C 155 15.82 -1.77 18.14
C THR C 155 15.17 -2.41 16.91
N GLY C 156 15.05 -3.75 16.92
CA GLY C 156 14.42 -4.53 15.85
C GLY C 156 13.10 -3.93 15.39
N ASN C 157 12.19 -3.63 16.32
CA ASN C 157 10.85 -3.08 15.97
C ASN C 157 11.03 -1.79 15.18
N HIS C 158 11.85 -0.86 15.67
CA HIS C 158 12.22 0.39 14.96
C HIS C 158 12.80 0.08 13.58
N PHE C 159 13.75 -0.85 13.50
CA PHE C 159 14.44 -1.13 12.21
C PHE C 159 13.43 -1.72 11.21
N ASP C 160 12.51 -2.57 11.67
CA ASP C 160 11.46 -3.16 10.79
C ASP C 160 10.50 -2.07 10.34
N ALA C 161 10.05 -1.22 11.26
CA ALA C 161 9.18 -0.08 10.92
C ALA C 161 9.89 0.80 9.87
N TRP C 162 11.13 1.23 10.15
CA TRP C 162 11.90 2.09 9.22
C TRP C 162 11.97 1.45 7.83
N ALA C 163 12.36 0.18 7.75
CA ALA C 163 12.49 -0.58 6.48
C ALA C 163 11.12 -0.56 5.76
N SER C 164 10.01 -0.71 6.47
CA SER C 164 8.64 -0.74 5.88
C SER C 164 8.28 0.63 5.31
N TYR C 165 8.90 1.70 5.81
CA TYR C 165 8.64 3.07 5.31
C TYR C 165 9.64 3.44 4.21
N GLY C 166 10.51 2.51 3.81
CA GLY C 166 11.53 2.69 2.75
C GLY C 166 12.87 3.18 3.28
N MET C 167 13.05 3.25 4.60
CA MET C 167 14.30 3.75 5.26
C MET C 167 15.22 2.56 5.57
N ASN C 168 16.12 2.22 4.63
CA ASN C 168 17.00 1.04 4.68
C ASN C 168 18.31 1.41 5.38
N LEU C 169 18.85 0.48 6.18
CA LEU C 169 20.08 0.65 6.98
C LEU C 169 21.22 -0.11 6.31
N GLY C 170 22.46 0.36 6.51
CA GLY C 170 23.67 -0.30 6.00
C GLY C 170 24.22 -1.26 7.02
N THR C 171 25.50 -1.58 6.91
CA THR C 171 26.29 -2.32 7.93
C THR C 171 26.31 -1.49 9.21
N HIS C 172 26.09 -2.12 10.37
CA HIS C 172 26.00 -1.43 11.68
C HIS C 172 27.40 -0.97 12.11
N ASN C 173 27.52 0.33 12.37
CA ASN C 173 28.61 0.89 13.21
C ASN C 173 28.11 0.91 14.67
N TYR C 174 28.50 1.90 15.48
CA TYR C 174 28.20 1.88 16.94
C TYR C 174 26.73 2.26 17.19
N MET C 175 26.28 1.86 18.36
CA MET C 175 24.91 2.02 18.89
C MET C 175 25.04 2.29 20.38
N VAL C 176 24.67 3.49 20.83
CA VAL C 176 24.81 3.88 22.26
C VAL C 176 23.52 4.55 22.75
N MET C 177 23.22 4.38 24.05
CA MET C 177 22.13 5.11 24.74
C MET C 177 22.63 6.51 25.07
N ALA C 178 22.30 7.48 24.23
CA ALA C 178 23.01 8.78 24.17
C ALA C 178 22.26 9.90 24.90
N THR C 179 23.03 10.91 25.31
CA THR C 179 22.50 12.23 25.69
C THR C 179 22.98 13.22 24.63
N GLU C 180 22.19 14.27 24.37
CA GLU C 180 22.47 15.22 23.26
C GLU C 180 22.14 16.65 23.71
N GLY C 181 23.00 17.62 23.37
CA GLY C 181 22.81 19.07 23.63
C GLY C 181 22.92 19.88 22.34
N PHE C 182 22.03 20.84 22.12
CA PHE C 182 22.16 21.91 21.10
C PHE C 182 21.86 23.26 21.77
N GLN C 183 22.90 24.08 21.94
CA GLN C 183 22.80 25.50 22.40
C GLN C 183 21.99 25.54 23.70
N SER C 184 22.33 24.66 24.64
CA SER C 184 21.50 24.31 25.82
C SER C 184 22.40 23.96 27.01
N SER C 185 21.76 23.72 28.16
CA SER C 185 22.40 23.29 29.42
C SER C 185 21.56 22.19 30.06
N GLY C 186 22.20 21.23 30.73
CA GLY C 186 21.50 20.16 31.43
C GLY C 186 22.49 19.14 31.96
N SER C 187 21.97 18.01 32.41
CA SER C 187 22.72 16.93 33.08
C SER C 187 22.05 15.60 32.72
N SER C 188 22.73 14.48 32.85
CA SER C 188 22.15 13.15 32.59
C SER C 188 22.97 12.12 33.35
N ASP C 189 22.35 11.02 33.71
CA ASP C 189 22.96 9.96 34.54
C ASP C 189 22.23 8.70 34.11
N ILE C 190 22.86 7.92 33.23
CA ILE C 190 22.21 6.83 32.48
C ILE C 190 23.03 5.55 32.69
N THR C 191 22.35 4.43 32.91
CA THR C 191 22.96 3.09 32.95
C THR C 191 22.34 2.25 31.83
N VAL C 192 23.16 1.71 30.93
CA VAL C 192 22.72 0.84 29.80
C VAL C 192 23.01 -0.61 30.20
N SER C 193 22.28 -1.57 29.64
CA SER C 193 22.51 -3.05 29.71
C SER C 193 21.71 -3.77 28.63
N ASP C 194 21.91 -5.09 28.48
CA ASP C 194 21.14 -5.94 27.53
C ASP C 194 19.79 -6.33 28.16
C1 GOL D . -18.24 -7.61 -11.71
O1 GOL D . -17.11 -7.44 -12.53
C2 GOL D . -18.03 -6.91 -10.39
O2 GOL D . -18.27 -5.52 -10.58
C3 GOL D . -18.89 -7.44 -9.27
O3 GOL D . -18.28 -7.21 -8.00
#